data_9AUZ
#
_entry.id   9AUZ
#
_cell.length_a   100.627
_cell.length_b   100.627
_cell.length_c   64.907
_cell.angle_alpha   90.00
_cell.angle_beta   90.00
_cell.angle_gamma   90.00
#
_symmetry.space_group_name_H-M   'I 4'
#
loop_
_entity.id
_entity.type
_entity.pdbx_description
1 polymer "Inosine-5'-monophosphate dehydrogenase"
2 non-polymer 'INOSINIC ACID'
3 non-polymer N-[4-chloro-3-(dimethylamino)phenyl]-N~2~-[3-(hydroxymethyl)quinolin-6-yl]-L-alaninamide
4 water water
#
_entity_poly.entity_id   1
_entity_poly.type   'polypeptide(L)'
_entity_poly.pdbx_seq_one_letter_code
;MHHHHHHGENLYFQGSWESKFAKESLTFDDVLLIPAQSDILPKDVDLSVQLSDKVKLNIPVISAGMDTVTESKMAIAMAR
QGGLGVIHKNMGVEEQADEVQKVKRSGGLLVAAAIGISKDTDIRAQKLVEAGVDVLVIDTAHGHSKGVIDQVKHIKKTYP
EITLVAGNVATAEATKDLFEAGADIVKVGIGPGSICTTRVVAGVGVPQITAIYDCATEARKHGKAIIADGGIKFSGDIIK
ALAAGGHAVMLGSLLAGTEESPGATEIFQGRQYKVYRGMGSLGAMEKGSNDRYFQEDKAPKKFVPEGIEGRTAYKGALQD
TIYQLMGGVRAGMGYTGSHDLRELREEAQFTRMGPAGLAESHPHNIQITKESPNYSFGNS
;
_entity_poly.pdbx_strand_id   A
#
loop_
_chem_comp.id
_chem_comp.type
_chem_comp.name
_chem_comp.formula
IMP non-polymer 'INOSINIC ACID' 'C10 H13 N4 O8 P'
VP4 non-polymer N-[4-chloro-3-(dimethylamino)phenyl]-N~2~-[3-(hydroxymethyl)quinolin-6-yl]-L-alaninamide 'C21 H23 Cl N4 O2'
#
# COMPACT_ATOMS: atom_id res chain seq x y z
N GLY A 15 -17.76 3.44 -30.37
CA GLY A 15 -17.64 2.00 -30.15
C GLY A 15 -16.33 1.62 -29.47
N SER A 16 -16.23 0.36 -29.00
N SER A 16 -16.23 0.36 -29.00
CA SER A 16 -15.04 -0.18 -28.32
CA SER A 16 -15.03 -0.16 -28.31
C SER A 16 -13.79 -0.14 -29.20
C SER A 16 -13.79 -0.12 -29.20
N TRP A 17 -13.97 -0.36 -30.52
CA TRP A 17 -12.87 -0.33 -31.49
C TRP A 17 -12.31 1.09 -31.60
N GLU A 18 -13.20 2.08 -31.74
CA GLU A 18 -12.88 3.48 -31.88
C GLU A 18 -12.29 4.12 -30.61
N SER A 19 -12.62 3.60 -29.40
CA SER A 19 -12.15 4.17 -28.12
C SER A 19 -10.88 3.51 -27.58
N LYS A 20 -10.34 2.51 -28.31
CA LYS A 20 -9.12 1.77 -27.94
C LYS A 20 -7.99 2.61 -27.36
N PHE A 21 -7.70 3.77 -27.97
CA PHE A 21 -6.62 4.65 -27.51
C PHE A 21 -7.09 6.01 -27.01
N ALA A 22 -8.37 6.13 -26.61
CA ALA A 22 -8.89 7.42 -26.13
C ALA A 22 -8.22 7.88 -24.83
N LYS A 23 -8.06 6.98 -23.83
CA LYS A 23 -7.53 7.33 -22.52
C LYS A 23 -6.04 7.71 -22.51
N GLU A 24 -5.71 8.74 -21.70
N GLU A 24 -5.72 8.72 -21.69
CA GLU A 24 -4.35 9.23 -21.43
CA GLU A 24 -4.38 9.24 -21.41
C GLU A 24 -4.16 9.31 -19.91
C GLU A 24 -4.21 9.22 -19.89
N SER A 25 -3.03 8.79 -19.42
CA SER A 25 -2.74 8.66 -18.00
C SER A 25 -1.42 9.28 -17.58
N LEU A 26 -1.37 9.65 -16.28
CA LEU A 26 -0.27 10.34 -15.64
C LEU A 26 0.37 9.53 -14.54
N THR A 27 1.70 9.62 -14.44
CA THR A 27 2.48 9.03 -13.36
C THR A 27 3.00 10.15 -12.38
N PHE A 28 3.67 9.77 -11.27
CA PHE A 28 4.24 10.68 -10.26
C PHE A 28 5.16 11.73 -10.90
N ASP A 29 5.99 11.29 -11.86
CA ASP A 29 6.96 12.15 -12.55
C ASP A 29 6.36 13.14 -13.54
N ASP A 30 5.05 13.03 -13.83
CA ASP A 30 4.36 13.94 -14.76
C ASP A 30 3.76 15.16 -14.08
N VAL A 31 3.67 15.14 -12.73
CA VAL A 31 2.98 16.18 -11.95
C VAL A 31 3.78 16.74 -10.77
N LEU A 32 3.38 17.93 -10.32
CA LEU A 32 3.92 18.59 -9.12
C LEU A 32 2.76 19.29 -8.44
N LEU A 33 2.81 19.40 -7.11
CA LEU A 33 1.81 20.17 -6.39
C LEU A 33 2.11 21.65 -6.46
N ILE A 34 1.06 22.46 -6.69
CA ILE A 34 1.13 23.90 -6.77
C ILE A 34 1.15 24.49 -5.32
N PRO A 35 2.15 25.33 -4.97
CA PRO A 35 2.14 25.95 -3.64
C PRO A 35 0.96 26.89 -3.45
N ALA A 36 0.37 26.95 -2.25
CA ALA A 36 -0.79 27.81 -1.99
C ALA A 36 -0.65 28.59 -0.65
N GLN A 37 -1.57 29.56 -0.41
CA GLN A 37 -1.65 30.39 0.80
C GLN A 37 -1.55 29.49 2.03
N SER A 38 -0.59 29.74 2.91
CA SER A 38 -0.40 28.90 4.07
C SER A 38 -0.19 29.64 5.38
N ASP A 39 -0.92 29.26 6.44
CA ASP A 39 -0.75 29.81 7.79
C ASP A 39 -0.37 28.67 8.78
N ILE A 40 0.29 27.60 8.27
CA ILE A 40 0.69 26.47 9.11
C ILE A 40 2.12 26.02 8.83
N LEU A 41 2.85 25.76 9.93
CA LEU A 41 4.21 25.25 9.90
C LEU A 41 4.21 23.72 9.68
N PRO A 42 5.18 23.16 8.91
CA PRO A 42 5.25 21.70 8.75
C PRO A 42 5.12 20.89 10.06
N LYS A 43 5.70 21.36 11.19
CA LYS A 43 5.61 20.63 12.47
C LYS A 43 4.19 20.54 13.07
N ASP A 44 3.29 21.45 12.66
CA ASP A 44 1.93 21.51 13.20
C ASP A 44 0.85 20.82 12.32
N VAL A 45 1.21 20.32 11.14
CA VAL A 45 0.22 19.65 10.29
C VAL A 45 -0.22 18.30 10.92
N ASP A 46 -1.46 17.87 10.63
CA ASP A 46 -2.03 16.62 11.13
C ASP A 46 -1.88 15.51 10.04
N LEU A 47 -1.08 14.45 10.31
CA LEU A 47 -0.84 13.32 9.39
C LEU A 47 -1.74 12.06 9.64
N SER A 48 -2.71 12.15 10.58
CA SER A 48 -3.56 11.02 10.92
C SER A 48 -4.63 10.70 9.84
N VAL A 49 -5.04 9.43 9.74
CA VAL A 49 -6.07 9.03 8.77
C VAL A 49 -6.96 7.90 9.33
N GLN A 50 -8.28 8.09 9.19
CA GLN A 50 -9.37 7.21 9.57
C GLN A 50 -9.63 6.26 8.38
N LEU A 51 -9.04 5.04 8.41
CA LEU A 51 -9.21 4.06 7.31
C LEU A 51 -10.57 3.37 7.32
N SER A 52 -11.10 3.12 8.52
CA SER A 52 -12.41 2.53 8.81
C SER A 52 -12.81 3.05 10.19
N ASP A 53 -14.09 2.88 10.57
CA ASP A 53 -14.63 3.31 11.87
C ASP A 53 -13.87 2.69 13.05
N LYS A 54 -13.17 1.58 12.80
CA LYS A 54 -12.39 0.86 13.80
C LYS A 54 -10.89 1.06 13.69
N VAL A 55 -10.39 1.58 12.53
CA VAL A 55 -8.94 1.69 12.33
C VAL A 55 -8.50 3.12 11.99
N LYS A 56 -7.70 3.74 12.88
N LYS A 56 -7.69 3.73 12.88
CA LYS A 56 -7.14 5.07 12.68
CA LYS A 56 -7.12 5.07 12.76
C LYS A 56 -5.63 4.96 12.79
C LYS A 56 -5.61 4.94 12.80
N LEU A 57 -4.91 5.54 11.82
CA LEU A 57 -3.44 5.52 11.81
C LEU A 57 -2.95 6.94 12.16
N ASN A 58 -1.77 7.06 12.76
CA ASN A 58 -1.27 8.41 13.09
C ASN A 58 -0.48 9.00 11.93
N ILE A 59 0.07 8.13 11.05
CA ILE A 59 0.80 8.49 9.80
C ILE A 59 0.16 7.70 8.63
N PRO A 60 0.08 8.24 7.38
CA PRO A 60 -0.62 7.51 6.31
C PRO A 60 0.26 6.48 5.57
N VAL A 61 1.01 5.66 6.31
CA VAL A 61 1.99 4.70 5.77
C VAL A 61 1.70 3.25 6.18
N ILE A 62 1.66 2.36 5.20
CA ILE A 62 1.43 0.93 5.43
C ILE A 62 2.59 0.18 4.79
N SER A 63 3.24 -0.75 5.52
CA SER A 63 4.34 -1.51 4.92
C SER A 63 3.72 -2.70 4.12
N ALA A 64 4.32 -3.03 2.97
CA ALA A 64 3.80 -4.06 2.06
C ALA A 64 3.82 -5.51 2.57
N GLY A 65 2.81 -6.28 2.18
CA GLY A 65 2.68 -7.70 2.47
C GLY A 65 3.62 -8.50 1.58
N MET A 66 4.94 -8.35 1.80
CA MET A 66 5.97 -8.99 0.96
C MET A 66 6.97 -9.70 1.82
N ASP A 67 7.53 -10.84 1.36
CA ASP A 67 8.46 -11.65 2.16
C ASP A 67 9.85 -11.01 2.38
N THR A 68 10.14 -9.89 1.69
CA THR A 68 11.38 -9.12 1.88
C THR A 68 11.04 -7.75 2.51
N VAL A 69 9.81 -7.57 3.02
CA VAL A 69 9.40 -6.28 3.60
C VAL A 69 8.78 -6.42 5.01
N THR A 70 7.68 -7.19 5.17
CA THR A 70 6.98 -7.23 6.45
C THR A 70 6.67 -8.60 7.07
N GLU A 71 7.28 -8.80 8.24
CA GLU A 71 7.03 -9.88 9.20
C GLU A 71 6.81 -9.16 10.55
N SER A 72 6.78 -9.86 11.71
CA SER A 72 6.49 -9.23 13.00
C SER A 72 7.32 -7.96 13.34
N LYS A 73 8.65 -7.99 13.20
N LYS A 73 8.66 -8.00 13.19
CA LYS A 73 9.56 -6.87 13.52
CA LYS A 73 9.59 -6.89 13.46
C LYS A 73 9.25 -5.57 12.74
C LYS A 73 9.19 -5.59 12.77
N MET A 74 8.83 -5.68 11.48
CA MET A 74 8.46 -4.53 10.64
C MET A 74 7.09 -4.04 11.06
N ALA A 75 6.13 -4.97 11.27
CA ALA A 75 4.78 -4.59 11.71
C ALA A 75 4.79 -3.87 13.07
N ILE A 76 5.66 -4.31 14.03
CA ILE A 76 5.79 -3.69 15.38
C ILE A 76 6.33 -2.25 15.22
N ALA A 77 7.50 -2.09 14.55
CA ALA A 77 8.13 -0.78 14.30
C ALA A 77 7.21 0.19 13.55
N MET A 78 6.50 -0.29 12.54
CA MET A 78 5.56 0.53 11.77
C MET A 78 4.44 1.06 12.65
N ALA A 79 3.79 0.16 13.43
CA ALA A 79 2.71 0.49 14.35
C ALA A 79 3.19 1.50 15.41
N ARG A 80 4.45 1.36 15.89
CA ARG A 80 5.09 2.22 16.89
C ARG A 80 5.24 3.67 16.37
N GLN A 81 5.41 3.83 15.03
CA GLN A 81 5.53 5.12 14.34
C GLN A 81 4.16 5.72 14.01
N GLY A 82 3.09 4.98 14.30
CA GLY A 82 1.72 5.40 14.01
C GLY A 82 1.19 4.78 12.72
N GLY A 83 2.00 3.95 12.09
CA GLY A 83 1.65 3.28 10.84
C GLY A 83 1.09 1.87 11.01
N LEU A 84 1.18 1.07 9.93
CA LEU A 84 0.64 -0.30 9.91
C LEU A 84 1.51 -1.22 9.07
N GLY A 85 1.59 -2.47 9.49
CA GLY A 85 2.30 -3.51 8.76
C GLY A 85 1.38 -4.59 8.25
N VAL A 86 1.63 -5.11 7.03
CA VAL A 86 0.88 -6.20 6.45
C VAL A 86 1.75 -7.47 6.46
N ILE A 87 1.47 -8.40 7.39
CA ILE A 87 2.20 -9.66 7.48
C ILE A 87 1.92 -10.44 6.20
N HIS A 88 2.99 -10.83 5.48
CA HIS A 88 2.85 -11.57 4.21
C HIS A 88 2.34 -13.00 4.45
N LYS A 89 1.70 -13.60 3.41
CA LYS A 89 1.11 -14.95 3.49
C LYS A 89 1.99 -16.07 2.88
N ASN A 90 3.26 -15.76 2.57
N ASN A 90 3.26 -15.76 2.54
CA ASN A 90 4.20 -16.73 2.01
CA ASN A 90 4.17 -16.77 2.00
C ASN A 90 4.86 -17.51 3.16
C ASN A 90 4.85 -17.53 3.14
N MET A 91 4.02 -18.19 3.96
CA MET A 91 4.40 -19.01 5.14
C MET A 91 3.19 -19.84 5.58
N GLY A 92 3.43 -20.78 6.49
CA GLY A 92 2.37 -21.62 7.04
C GLY A 92 1.30 -20.82 7.74
N VAL A 93 0.06 -21.32 7.75
CA VAL A 93 -1.06 -20.67 8.40
C VAL A 93 -0.75 -20.38 9.89
N GLU A 94 -0.25 -21.39 10.64
CA GLU A 94 0.07 -21.20 12.06
C GLU A 94 1.26 -20.25 12.24
N GLU A 95 2.19 -20.21 11.26
CA GLU A 95 3.36 -19.31 11.25
C GLU A 95 2.88 -17.86 11.14
N GLN A 96 1.92 -17.60 10.22
CA GLN A 96 1.34 -16.28 10.01
C GLN A 96 0.59 -15.83 11.25
N ALA A 97 -0.17 -16.75 11.88
CA ALA A 97 -0.92 -16.49 13.11
C ALA A 97 0.05 -16.15 14.24
N ASP A 98 1.20 -16.86 14.32
N ASP A 98 1.19 -16.87 14.34
CA ASP A 98 2.26 -16.65 15.32
CA ASP A 98 2.23 -16.63 15.34
C ASP A 98 2.87 -15.26 15.21
C ASP A 98 2.80 -15.23 15.23
N GLU A 99 3.04 -14.73 13.97
CA GLU A 99 3.59 -13.38 13.73
C GLU A 99 2.61 -12.32 14.19
N VAL A 100 1.31 -12.52 13.90
CA VAL A 100 0.26 -11.58 14.30
C VAL A 100 0.23 -11.50 15.83
N GLN A 101 0.31 -12.67 16.49
CA GLN A 101 0.29 -12.82 17.94
C GLN A 101 1.41 -12.00 18.59
N LYS A 102 2.66 -12.07 18.05
CA LYS A 102 3.80 -11.31 18.58
C LYS A 102 3.53 -9.81 18.50
N VAL A 103 2.90 -9.34 17.40
CA VAL A 103 2.60 -7.91 17.23
C VAL A 103 1.61 -7.49 18.30
N LYS A 104 0.52 -8.27 18.49
CA LYS A 104 -0.50 -8.01 19.52
C LYS A 104 0.07 -8.02 20.95
N ARG A 105 1.07 -8.90 21.20
N ARG A 105 1.06 -8.90 21.20
CA ARG A 105 1.73 -9.02 22.50
CA ARG A 105 1.74 -9.04 22.50
C ARG A 105 2.69 -7.86 22.80
C ARG A 105 2.67 -7.86 22.80
N SER A 106 3.03 -7.05 21.77
CA SER A 106 3.92 -5.91 21.87
C SER A 106 3.23 -4.57 22.26
N GLY A 107 2.26 -4.63 23.17
CA GLY A 107 1.54 -3.46 23.65
C GLY A 107 0.20 -3.16 23.00
N GLY A 108 -0.40 -4.17 22.37
CA GLY A 108 -1.70 -4.05 21.70
C GLY A 108 -1.71 -3.20 20.44
N LEU A 109 -0.55 -3.16 19.76
CA LEU A 109 -0.36 -2.41 18.50
C LEU A 109 -1.25 -2.96 17.39
N LEU A 110 -1.68 -2.11 16.43
CA LEU A 110 -2.51 -2.54 15.29
C LEU A 110 -1.70 -3.43 14.37
N VAL A 111 -2.36 -4.40 13.70
CA VAL A 111 -1.70 -5.33 12.78
C VAL A 111 -2.65 -5.76 11.66
N ALA A 112 -2.08 -5.99 10.47
CA ALA A 112 -2.79 -6.47 9.30
C ALA A 112 -2.12 -7.71 8.79
N ALA A 113 -2.88 -8.52 8.05
CA ALA A 113 -2.39 -9.77 7.48
C ALA A 113 -3.02 -10.06 6.13
N ALA A 114 -2.21 -10.56 5.20
CA ALA A 114 -2.69 -10.89 3.85
C ALA A 114 -3.28 -12.29 3.77
N ILE A 115 -4.39 -12.41 3.02
CA ILE A 115 -5.10 -13.65 2.67
C ILE A 115 -5.34 -13.66 1.15
N GLY A 116 -5.46 -14.86 0.58
CA GLY A 116 -5.70 -15.03 -0.86
C GLY A 116 -7.13 -15.39 -1.18
N ILE A 117 -7.32 -16.16 -2.27
CA ILE A 117 -8.64 -16.61 -2.71
C ILE A 117 -8.67 -18.14 -2.83
N SER A 118 -7.52 -18.80 -2.53
CA SER A 118 -7.37 -20.25 -2.54
C SER A 118 -8.25 -20.91 -1.46
N LYS A 119 -8.44 -22.25 -1.57
CA LYS A 119 -9.29 -23.03 -0.68
C LYS A 119 -8.83 -23.04 0.79
N ASP A 120 -7.53 -22.87 1.05
CA ASP A 120 -6.97 -22.80 2.40
C ASP A 120 -7.26 -21.47 3.14
N THR A 121 -7.90 -20.50 2.46
CA THR A 121 -8.18 -19.18 3.02
C THR A 121 -9.06 -19.25 4.27
N ASP A 122 -10.13 -20.05 4.26
CA ASP A 122 -11.02 -20.20 5.43
C ASP A 122 -10.26 -20.57 6.70
N ILE A 123 -9.28 -21.49 6.59
CA ILE A 123 -8.44 -21.92 7.70
C ILE A 123 -7.53 -20.74 8.12
N ARG A 124 -6.84 -20.09 7.15
CA ARG A 124 -5.94 -18.95 7.38
C ARG A 124 -6.65 -17.76 8.04
N ALA A 125 -7.79 -17.32 7.49
CA ALA A 125 -8.57 -16.19 8.02
C ALA A 125 -9.02 -16.43 9.47
N GLN A 126 -9.43 -17.68 9.79
CA GLN A 126 -9.88 -18.04 11.14
C GLN A 126 -8.72 -17.94 12.14
N LYS A 127 -7.57 -18.54 11.82
CA LYS A 127 -6.40 -18.49 12.72
C LYS A 127 -5.83 -17.06 12.93
N LEU A 128 -5.87 -16.21 11.88
CA LEU A 128 -5.41 -14.83 12.00
C LEU A 128 -6.33 -14.00 12.90
N VAL A 129 -7.67 -14.13 12.71
CA VAL A 129 -8.69 -13.45 13.52
C VAL A 129 -8.55 -13.89 14.99
N GLU A 130 -8.31 -15.21 15.21
CA GLU A 130 -8.12 -15.77 16.56
C GLU A 130 -6.84 -15.23 17.21
N ALA A 131 -5.85 -14.87 16.38
CA ALA A 131 -4.58 -14.34 16.82
C ALA A 131 -4.68 -12.83 17.16
N GLY A 132 -5.82 -12.21 16.86
CA GLY A 132 -6.07 -10.80 17.15
C GLY A 132 -5.82 -9.82 16.00
N VAL A 133 -5.79 -10.31 14.74
CA VAL A 133 -5.56 -9.42 13.59
C VAL A 133 -6.66 -8.33 13.49
N ASP A 134 -6.23 -7.08 13.22
CA ASP A 134 -7.17 -5.96 13.13
C ASP A 134 -7.73 -5.78 11.74
N VAL A 135 -6.91 -6.06 10.71
CA VAL A 135 -7.34 -5.88 9.31
C VAL A 135 -6.88 -7.06 8.42
N LEU A 136 -7.84 -7.57 7.65
CA LEU A 136 -7.54 -8.62 6.68
C LEU A 136 -7.39 -7.95 5.32
N VAL A 137 -6.37 -8.38 4.58
CA VAL A 137 -6.06 -7.83 3.26
C VAL A 137 -6.17 -8.94 2.22
N ILE A 138 -7.26 -8.92 1.42
CA ILE A 138 -7.39 -9.87 0.30
C ILE A 138 -6.45 -9.25 -0.75
N ASP A 139 -5.21 -9.78 -0.86
CA ASP A 139 -4.16 -9.26 -1.72
C ASP A 139 -3.91 -10.13 -2.92
N THR A 140 -4.34 -9.66 -4.11
CA THR A 140 -4.15 -10.41 -5.36
C THR A 140 -3.57 -9.50 -6.42
N ALA A 141 -2.99 -10.11 -7.48
CA ALA A 141 -2.42 -9.36 -8.58
C ALA A 141 -3.53 -8.66 -9.37
N HIS A 142 -4.76 -9.19 -9.33
CA HIS A 142 -5.88 -8.65 -10.10
C HIS A 142 -7.18 -8.84 -9.29
N GLY A 143 -7.56 -7.79 -8.57
CA GLY A 143 -8.74 -7.77 -7.71
C GLY A 143 -10.08 -7.60 -8.39
N HIS A 144 -10.08 -7.25 -9.70
CA HIS A 144 -11.35 -7.11 -10.44
C HIS A 144 -11.70 -8.48 -11.04
N SER A 145 -11.91 -9.47 -10.16
CA SER A 145 -12.19 -10.83 -10.58
C SER A 145 -13.31 -11.46 -9.76
N LYS A 146 -14.00 -12.48 -10.32
CA LYS A 146 -15.09 -13.19 -9.64
C LYS A 146 -14.59 -13.82 -8.34
N GLY A 147 -13.38 -14.36 -8.36
CA GLY A 147 -12.75 -14.98 -7.20
C GLY A 147 -12.59 -14.04 -6.02
N VAL A 148 -12.17 -12.80 -6.31
CA VAL A 148 -11.95 -11.79 -5.27
C VAL A 148 -13.29 -11.28 -4.73
N ILE A 149 -14.21 -10.90 -5.63
CA ILE A 149 -15.54 -10.39 -5.24
C ILE A 149 -16.30 -11.37 -4.29
N ASP A 150 -16.28 -12.69 -4.62
CA ASP A 150 -16.90 -13.75 -3.82
C ASP A 150 -16.19 -13.88 -2.47
N GLN A 151 -14.85 -13.79 -2.46
CA GLN A 151 -14.08 -13.86 -1.21
C GLN A 151 -14.39 -12.65 -0.31
N VAL A 152 -14.57 -11.44 -0.89
CA VAL A 152 -14.94 -10.21 -0.15
C VAL A 152 -16.27 -10.47 0.59
N LYS A 153 -17.28 -10.99 -0.13
CA LYS A 153 -18.61 -11.31 0.40
C LYS A 153 -18.53 -12.34 1.53
N HIS A 154 -17.76 -13.42 1.32
CA HIS A 154 -17.59 -14.47 2.31
C HIS A 154 -16.91 -13.96 3.57
N ILE A 155 -15.74 -13.28 3.44
CA ILE A 155 -14.99 -12.75 4.59
C ILE A 155 -15.80 -11.73 5.37
N LYS A 156 -16.51 -10.82 4.69
CA LYS A 156 -17.36 -9.83 5.37
C LYS A 156 -18.53 -10.47 6.11
N LYS A 157 -19.17 -11.49 5.50
CA LYS A 157 -20.29 -12.24 6.09
C LYS A 157 -19.81 -13.02 7.33
N THR A 158 -18.64 -13.67 7.23
CA THR A 158 -18.06 -14.44 8.33
C THR A 158 -17.58 -13.53 9.45
N TYR A 159 -16.75 -12.52 9.15
CA TYR A 159 -16.20 -11.60 10.16
C TYR A 159 -16.67 -10.15 9.94
N PRO A 160 -17.94 -9.80 10.29
CA PRO A 160 -18.38 -8.40 10.06
C PRO A 160 -17.69 -7.34 10.92
N GLU A 161 -16.97 -7.74 11.98
CA GLU A 161 -16.27 -6.80 12.86
C GLU A 161 -14.79 -6.58 12.48
N ILE A 162 -14.30 -7.26 11.42
CA ILE A 162 -12.91 -7.11 10.95
C ILE A 162 -12.83 -6.16 9.75
N THR A 163 -11.89 -5.20 9.81
CA THR A 163 -11.64 -4.25 8.72
C THR A 163 -11.10 -5.01 7.52
N LEU A 164 -11.78 -4.87 6.39
CA LEU A 164 -11.40 -5.59 5.20
C LEU A 164 -10.90 -4.73 4.03
N VAL A 165 -9.64 -5.00 3.64
CA VAL A 165 -8.99 -4.39 2.46
C VAL A 165 -9.09 -5.43 1.32
N ALA A 166 -9.40 -4.97 0.09
CA ALA A 166 -9.44 -5.81 -1.11
C ALA A 166 -8.72 -5.12 -2.28
N GLY A 167 -7.93 -5.88 -3.03
CA GLY A 167 -7.20 -5.35 -4.19
C GLY A 167 -6.41 -6.40 -4.95
N ASN A 168 -5.57 -6.01 -5.93
CA ASN A 168 -5.29 -4.66 -6.39
C ASN A 168 -6.10 -4.26 -7.59
N VAL A 169 -6.49 -2.98 -7.66
CA VAL A 169 -7.27 -2.48 -8.79
C VAL A 169 -6.61 -1.20 -9.35
N ALA A 170 -7.11 -0.69 -10.50
CA ALA A 170 -6.64 0.54 -11.16
C ALA A 170 -7.79 1.24 -11.90
N THR A 171 -9.07 0.82 -11.67
CA THR A 171 -10.22 1.46 -12.37
C THR A 171 -11.38 1.80 -11.43
N ALA A 172 -12.24 2.76 -11.83
CA ALA A 172 -13.42 3.17 -11.07
C ALA A 172 -14.43 2.03 -10.94
N GLU A 173 -14.66 1.27 -12.04
CA GLU A 173 -15.61 0.14 -12.07
C GLU A 173 -15.19 -0.97 -11.13
N ALA A 174 -13.87 -1.25 -11.07
CA ALA A 174 -13.32 -2.26 -10.17
C ALA A 174 -13.51 -1.87 -8.73
N THR A 175 -13.20 -0.60 -8.41
CA THR A 175 -13.33 -0.05 -7.06
C THR A 175 -14.81 -0.14 -6.61
N LYS A 176 -15.74 0.29 -7.49
CA LYS A 176 -17.18 0.26 -7.21
C LYS A 176 -17.62 -1.17 -6.85
N ASP A 177 -17.18 -2.17 -7.67
CA ASP A 177 -17.49 -3.58 -7.47
C ASP A 177 -16.93 -4.13 -6.16
N LEU A 178 -15.72 -3.74 -5.77
CA LEU A 178 -15.13 -4.23 -4.51
C LEU A 178 -15.85 -3.64 -3.29
N PHE A 179 -16.12 -2.30 -3.29
CA PHE A 179 -16.86 -1.66 -2.18
C PHE A 179 -18.29 -2.22 -2.09
N GLU A 180 -18.96 -2.43 -3.23
CA GLU A 180 -20.32 -3.00 -3.24
C GLU A 180 -20.36 -4.44 -2.76
N ALA A 181 -19.27 -5.21 -2.97
CA ALA A 181 -19.17 -6.59 -2.47
C ALA A 181 -18.98 -6.65 -0.94
N GLY A 182 -18.62 -5.52 -0.33
CA GLY A 182 -18.45 -5.40 1.12
C GLY A 182 -17.09 -4.99 1.66
N ALA A 183 -16.13 -4.67 0.76
CA ALA A 183 -14.80 -4.24 1.19
C ALA A 183 -14.89 -2.89 1.91
N ASP A 184 -14.08 -2.69 2.94
CA ASP A 184 -14.10 -1.38 3.62
C ASP A 184 -13.13 -0.44 2.91
N ILE A 185 -11.97 -0.99 2.48
CA ILE A 185 -10.88 -0.28 1.82
C ILE A 185 -10.48 -1.00 0.53
N VAL A 186 -10.21 -0.23 -0.55
CA VAL A 186 -9.78 -0.73 -1.86
C VAL A 186 -8.31 -0.34 -2.08
N LYS A 187 -7.46 -1.32 -2.40
CA LYS A 187 -6.04 -1.08 -2.61
C LYS A 187 -5.76 -0.92 -4.11
N VAL A 188 -5.15 0.22 -4.50
CA VAL A 188 -4.90 0.68 -5.88
C VAL A 188 -3.45 0.52 -6.33
N GLY A 189 -3.23 -0.17 -7.45
CA GLY A 189 -1.91 -0.34 -8.04
C GLY A 189 -1.75 -1.58 -8.88
N ILE A 190 -1.78 -1.41 -10.23
CA ILE A 190 -1.57 -2.45 -11.25
C ILE A 190 -0.38 -2.03 -12.11
N GLY A 191 0.80 -2.60 -11.82
CA GLY A 191 2.02 -2.29 -12.56
C GLY A 191 3.00 -1.20 -12.10
N PRO A 192 2.81 -0.39 -11.01
CA PRO A 192 3.78 0.68 -10.76
C PRO A 192 5.02 0.35 -9.91
N GLY A 193 5.00 -0.79 -9.20
CA GLY A 193 6.06 -1.23 -8.30
C GLY A 193 7.49 -1.15 -8.80
N SER A 194 8.46 -0.93 -7.89
CA SER A 194 9.88 -0.80 -8.26
C SER A 194 10.47 -2.09 -8.86
N ILE A 195 10.16 -3.24 -8.23
CA ILE A 195 10.60 -4.58 -8.63
C ILE A 195 9.61 -5.26 -9.60
N CYS A 196 8.56 -4.54 -10.00
CA CYS A 196 7.49 -5.07 -10.84
C CYS A 196 7.87 -5.15 -12.30
N THR A 197 7.58 -6.31 -12.93
CA THR A 197 7.78 -6.50 -14.36
C THR A 197 6.41 -6.78 -15.04
N THR A 198 5.29 -6.50 -14.34
CA THR A 198 3.91 -6.69 -14.86
C THR A 198 3.71 -5.94 -16.19
N ARG A 199 4.14 -4.68 -16.26
CA ARG A 199 4.01 -3.85 -17.47
C ARG A 199 4.80 -4.45 -18.64
N VAL A 200 6.01 -4.92 -18.37
N VAL A 200 6.04 -4.92 -18.43
CA VAL A 200 6.92 -5.48 -19.35
CA VAL A 200 6.85 -5.47 -19.53
C VAL A 200 6.47 -6.89 -19.82
C VAL A 200 6.49 -6.94 -19.88
N VAL A 201 6.05 -7.73 -18.88
CA VAL A 201 5.67 -9.14 -19.10
C VAL A 201 4.24 -9.29 -19.63
N ALA A 202 3.27 -8.56 -19.05
CA ALA A 202 1.87 -8.73 -19.41
C ALA A 202 1.26 -7.60 -20.24
N GLY A 203 1.99 -6.49 -20.39
CA GLY A 203 1.62 -5.31 -21.16
C GLY A 203 0.44 -4.53 -20.61
N VAL A 204 0.19 -4.71 -19.31
CA VAL A 204 -0.95 -4.18 -18.58
C VAL A 204 -0.52 -3.18 -17.49
N GLY A 205 -1.36 -2.18 -17.28
CA GLY A 205 -1.10 -1.24 -16.21
C GLY A 205 -1.76 0.10 -16.39
N VAL A 206 -1.85 0.84 -15.29
CA VAL A 206 -2.36 2.19 -15.37
C VAL A 206 -1.40 3.07 -14.62
N PRO A 207 -0.75 4.07 -15.28
CA PRO A 207 0.10 5.03 -14.55
C PRO A 207 -0.59 5.47 -13.25
N GLN A 208 0.15 5.34 -12.14
CA GLN A 208 -0.33 5.40 -10.76
C GLN A 208 -1.09 6.68 -10.35
N ILE A 209 -0.72 7.86 -10.84
CA ILE A 209 -1.46 9.07 -10.44
C ILE A 209 -2.91 9.01 -10.98
N THR A 210 -3.07 8.63 -12.24
CA THR A 210 -4.42 8.47 -12.84
C THR A 210 -5.20 7.32 -12.15
N ALA A 211 -4.52 6.21 -11.80
CA ALA A 211 -5.16 5.04 -11.14
C ALA A 211 -5.73 5.49 -9.81
N ILE A 212 -4.94 6.26 -9.02
CA ILE A 212 -5.38 6.78 -7.72
C ILE A 212 -6.60 7.71 -7.91
N TYR A 213 -6.48 8.70 -8.80
CA TYR A 213 -7.52 9.71 -9.05
C TYR A 213 -8.83 9.08 -9.49
N ASP A 214 -8.81 8.18 -10.52
CA ASP A 214 -9.99 7.47 -11.00
C ASP A 214 -10.63 6.64 -9.89
N CYS A 215 -9.80 5.94 -9.11
CA CYS A 215 -10.34 5.12 -8.02
C CYS A 215 -10.85 5.91 -6.84
N ALA A 216 -10.18 7.05 -6.51
CA ALA A 216 -10.62 7.93 -5.43
C ALA A 216 -11.90 8.68 -5.86
N THR A 217 -12.09 8.95 -7.16
CA THR A 217 -13.31 9.63 -7.65
C THR A 217 -14.53 8.78 -7.30
N GLU A 218 -14.40 7.45 -7.52
CA GLU A 218 -15.44 6.50 -7.19
C GLU A 218 -15.60 6.37 -5.66
N ALA A 219 -14.47 6.19 -4.91
CA ALA A 219 -14.49 6.04 -3.46
C ALA A 219 -15.20 7.19 -2.73
N ARG A 220 -15.14 8.42 -3.28
CA ARG A 220 -15.79 9.60 -2.68
C ARG A 220 -17.32 9.44 -2.61
N LYS A 221 -17.91 8.76 -3.60
CA LYS A 221 -19.34 8.46 -3.71
C LYS A 221 -19.79 7.48 -2.62
N HIS A 222 -18.88 6.58 -2.20
CA HIS A 222 -19.13 5.55 -1.19
C HIS A 222 -18.73 5.97 0.22
N GLY A 223 -17.95 7.05 0.33
CA GLY A 223 -17.45 7.55 1.59
C GLY A 223 -16.44 6.60 2.23
N LYS A 224 -15.71 5.84 1.39
CA LYS A 224 -14.71 4.86 1.88
C LYS A 224 -13.31 5.20 1.41
N ALA A 225 -12.28 4.62 2.05
CA ALA A 225 -10.86 4.89 1.81
C ALA A 225 -10.17 4.03 0.74
N ILE A 226 -9.05 4.58 0.19
N ILE A 226 -9.06 4.56 0.17
CA ILE A 226 -8.18 4.02 -0.84
CA ILE A 226 -8.22 3.83 -0.79
C ILE A 226 -6.73 3.92 -0.31
C ILE A 226 -6.77 3.87 -0.33
N ILE A 227 -6.03 2.80 -0.60
CA ILE A 227 -4.60 2.68 -0.28
C ILE A 227 -3.86 2.80 -1.64
N ALA A 228 -2.97 3.79 -1.77
CA ALA A 228 -2.20 4.01 -3.01
C ALA A 228 -0.97 3.10 -2.93
N ASP A 229 -1.02 1.97 -3.63
CA ASP A 229 0.02 0.92 -3.52
C ASP A 229 1.02 0.85 -4.69
N GLY A 230 2.29 1.09 -4.40
CA GLY A 230 3.38 0.95 -5.37
C GLY A 230 3.86 2.17 -6.14
N GLY A 231 5.14 2.12 -6.51
CA GLY A 231 5.79 3.14 -7.35
C GLY A 231 6.32 4.38 -6.67
N ILE A 232 6.30 4.41 -5.34
N ILE A 232 6.30 4.41 -5.33
CA ILE A 232 6.76 5.55 -4.55
CA ILE A 232 6.78 5.52 -4.52
C ILE A 232 8.27 5.42 -4.36
C ILE A 232 8.29 5.39 -4.39
N LYS A 233 9.03 6.38 -4.91
CA LYS A 233 10.50 6.37 -4.85
C LYS A 233 11.08 7.30 -3.78
N PHE A 234 10.33 8.36 -3.43
CA PHE A 234 10.77 9.39 -2.49
C PHE A 234 9.55 9.97 -1.73
N SER A 235 9.81 10.80 -0.68
CA SER A 235 8.75 11.44 0.09
C SER A 235 7.82 12.27 -0.79
N GLY A 236 8.35 12.91 -1.83
CA GLY A 236 7.55 13.73 -2.74
C GLY A 236 6.43 12.95 -3.41
N ASP A 237 6.69 11.67 -3.76
CA ASP A 237 5.71 10.76 -4.34
C ASP A 237 4.60 10.38 -3.33
N ILE A 238 4.93 10.34 -2.02
CA ILE A 238 3.94 10.04 -0.96
C ILE A 238 2.84 11.10 -0.95
N ILE A 239 3.22 12.40 -0.85
CA ILE A 239 2.26 13.52 -0.81
C ILE A 239 1.47 13.64 -2.12
N LYS A 240 2.12 13.40 -3.26
CA LYS A 240 1.47 13.38 -4.59
C LYS A 240 0.40 12.26 -4.61
N ALA A 241 0.76 11.07 -4.09
CA ALA A 241 -0.18 9.93 -4.00
C ALA A 241 -1.43 10.27 -3.14
N LEU A 242 -1.20 10.91 -1.97
CA LEU A 242 -2.26 11.34 -1.07
C LEU A 242 -3.13 12.45 -1.68
N ALA A 243 -2.48 13.48 -2.31
CA ALA A 243 -3.15 14.62 -2.93
C ALA A 243 -4.00 14.25 -4.16
N ALA A 244 -3.63 13.15 -4.85
CA ALA A 244 -4.35 12.58 -5.99
C ALA A 244 -5.60 11.79 -5.51
N GLY A 245 -5.71 11.57 -4.21
CA GLY A 245 -6.90 10.90 -3.66
C GLY A 245 -6.72 9.75 -2.69
N GLY A 246 -5.49 9.28 -2.52
CA GLY A 246 -5.18 8.20 -1.61
C GLY A 246 -5.28 8.60 -0.15
N HIS A 247 -5.87 7.71 0.69
CA HIS A 247 -6.00 7.96 2.13
C HIS A 247 -4.71 7.62 2.85
N ALA A 248 -4.03 6.59 2.38
CA ALA A 248 -2.73 6.13 2.90
C ALA A 248 -1.96 5.51 1.76
N VAL A 249 -0.64 5.32 1.94
CA VAL A 249 0.18 4.77 0.89
C VAL A 249 0.77 3.44 1.37
N MET A 250 1.08 2.56 0.43
CA MET A 250 1.74 1.28 0.73
C MET A 250 3.15 1.30 0.15
N LEU A 251 4.16 0.94 0.99
CA LEU A 251 5.57 0.96 0.59
C LEU A 251 6.26 -0.37 0.66
N GLY A 252 7.01 -0.66 -0.40
CA GLY A 252 7.85 -1.84 -0.55
C GLY A 252 9.31 -1.48 -0.58
N SER A 253 9.78 -0.89 -1.70
N SER A 253 9.79 -0.89 -1.70
CA SER A 253 11.17 -0.46 -1.95
CA SER A 253 11.18 -0.48 -1.94
C SER A 253 11.78 0.43 -0.86
C SER A 253 11.79 0.45 -0.88
N LEU A 254 11.05 1.48 -0.44
CA LEU A 254 11.53 2.44 0.58
C LEU A 254 11.77 1.84 1.97
N LEU A 255 11.15 0.67 2.25
CA LEU A 255 11.26 0.01 3.54
C LEU A 255 12.07 -1.29 3.52
N ALA A 256 12.30 -1.87 2.33
CA ALA A 256 13.06 -3.12 2.15
C ALA A 256 14.50 -3.10 2.66
N GLY A 257 15.15 -1.93 2.60
CA GLY A 257 16.54 -1.76 3.05
C GLY A 257 16.70 -1.46 4.53
N THR A 258 15.58 -1.34 5.27
CA THR A 258 15.64 -1.07 6.71
C THR A 258 15.99 -2.35 7.45
N GLU A 259 16.58 -2.22 8.65
CA GLU A 259 17.03 -3.33 9.50
C GLU A 259 15.87 -4.27 9.86
N GLU A 260 14.67 -3.69 10.04
CA GLU A 260 13.42 -4.36 10.44
C GLU A 260 12.79 -5.27 9.37
N SER A 261 13.24 -5.20 8.09
CA SER A 261 12.71 -6.08 7.03
C SER A 261 13.20 -7.55 7.21
N PRO A 262 12.41 -8.58 6.81
CA PRO A 262 12.81 -9.99 7.07
C PRO A 262 14.19 -10.50 6.65
N GLY A 263 14.78 -9.92 5.62
CA GLY A 263 16.08 -10.36 5.13
C GLY A 263 17.25 -10.11 6.07
N ALA A 264 18.40 -10.75 5.80
CA ALA A 264 19.63 -10.58 6.57
C ALA A 264 20.53 -9.59 5.86
N THR A 265 21.24 -8.75 6.63
CA THR A 265 22.16 -7.74 6.09
C THR A 265 23.43 -8.45 5.59
N GLU A 266 23.74 -8.30 4.29
CA GLU A 266 24.90 -8.92 3.66
C GLU A 266 25.85 -7.86 3.10
N ILE A 267 27.16 -8.15 3.13
CA ILE A 267 28.19 -7.23 2.64
C ILE A 267 28.63 -7.59 1.21
N PHE A 268 28.90 -6.56 0.38
CA PHE A 268 29.35 -6.72 -1.00
C PHE A 268 30.28 -5.57 -1.37
N GLN A 269 31.59 -5.89 -1.53
CA GLN A 269 32.69 -4.97 -1.86
C GLN A 269 32.82 -3.80 -0.86
N GLY A 270 32.59 -4.11 0.42
CA GLY A 270 32.66 -3.14 1.51
C GLY A 270 31.36 -2.44 1.84
N ARG A 271 30.35 -2.55 0.94
CA ARG A 271 29.04 -1.91 1.12
C ARG A 271 27.95 -2.91 1.56
N GLN A 272 27.12 -2.50 2.53
CA GLN A 272 26.04 -3.33 3.06
C GLN A 272 24.79 -3.25 2.17
N TYR A 273 24.13 -4.40 1.97
N TYR A 273 24.12 -4.40 1.98
CA TYR A 273 22.92 -4.53 1.15
CA TYR A 273 22.90 -4.50 1.19
C TYR A 273 21.88 -5.48 1.78
C TYR A 273 21.84 -5.41 1.85
N LYS A 274 20.62 -5.39 1.31
CA LYS A 274 19.50 -6.22 1.74
C LYS A 274 18.82 -6.69 0.48
N VAL A 275 18.32 -7.92 0.48
CA VAL A 275 17.67 -8.50 -0.69
C VAL A 275 16.24 -7.97 -0.79
N TYR A 276 15.86 -7.47 -1.98
CA TYR A 276 14.50 -7.01 -2.24
C TYR A 276 13.98 -7.70 -3.49
N ARG A 277 12.82 -8.38 -3.36
CA ARG A 277 12.26 -9.12 -4.49
C ARG A 277 10.74 -8.96 -4.60
N GLY A 278 10.24 -9.10 -5.82
CA GLY A 278 8.81 -9.06 -6.07
C GLY A 278 8.17 -10.35 -5.58
N MET A 279 6.90 -10.29 -5.19
CA MET A 279 6.18 -11.48 -4.76
C MET A 279 5.86 -12.42 -5.94
N GLY A 280 6.07 -11.92 -7.16
CA GLY A 280 5.88 -12.64 -8.41
C GLY A 280 7.20 -13.08 -9.01
N SER A 281 8.31 -12.96 -8.25
CA SER A 281 9.63 -13.40 -8.72
C SER A 281 9.73 -14.92 -8.55
N LEU A 282 10.70 -15.55 -9.25
CA LEU A 282 10.95 -17.00 -9.18
C LEU A 282 11.18 -17.45 -7.74
N GLY A 283 12.07 -16.73 -7.05
CA GLY A 283 12.45 -16.98 -5.66
C GLY A 283 11.28 -16.93 -4.68
N ALA A 284 10.35 -15.97 -4.87
CA ALA A 284 9.18 -15.82 -4.01
C ALA A 284 8.11 -16.88 -4.30
N MET A 285 7.89 -17.21 -5.60
CA MET A 285 6.89 -18.19 -6.04
C MET A 285 7.22 -19.63 -5.61
N GLU A 286 8.51 -19.92 -5.38
CA GLU A 286 9.00 -21.23 -4.92
C GLU A 286 8.62 -21.46 -3.46
N LYS A 302 1.76 -23.19 -15.66
CA LYS A 302 2.05 -22.45 -14.42
C LYS A 302 2.62 -21.07 -14.71
N PHE A 303 2.34 -20.11 -13.80
CA PHE A 303 2.74 -18.70 -13.86
C PHE A 303 4.20 -18.44 -14.18
N VAL A 304 4.40 -17.48 -15.09
CA VAL A 304 5.68 -16.96 -15.55
C VAL A 304 6.00 -15.77 -14.62
N PRO A 305 7.28 -15.53 -14.21
CA PRO A 305 7.55 -14.42 -13.28
C PRO A 305 7.05 -13.03 -13.72
N GLU A 306 6.62 -12.24 -12.72
CA GLU A 306 6.14 -10.88 -12.89
C GLU A 306 6.86 -9.88 -11.97
N GLY A 307 7.98 -10.33 -11.42
CA GLY A 307 8.84 -9.53 -10.55
C GLY A 307 10.28 -9.99 -10.59
N ILE A 308 11.19 -9.07 -10.26
CA ILE A 308 12.64 -9.33 -10.24
C ILE A 308 13.16 -9.48 -8.80
N GLU A 309 14.42 -9.96 -8.67
CA GLU A 309 15.12 -10.13 -7.39
C GLU A 309 16.41 -9.29 -7.48
N GLY A 310 16.54 -8.32 -6.58
CA GLY A 310 17.68 -7.41 -6.56
C GLY A 310 18.21 -7.08 -5.18
N ARG A 311 19.33 -6.35 -5.15
CA ARG A 311 19.98 -5.91 -3.92
C ARG A 311 19.73 -4.42 -3.71
N THR A 312 19.28 -4.03 -2.50
CA THR A 312 19.03 -2.62 -2.19
C THR A 312 19.93 -2.15 -1.04
N ALA A 313 20.35 -0.86 -1.08
CA ALA A 313 21.24 -0.26 -0.07
C ALA A 313 20.67 -0.33 1.35
N TYR A 314 21.52 -0.73 2.32
CA TYR A 314 21.13 -0.78 3.73
C TYR A 314 20.91 0.64 4.25
N LYS A 315 19.67 0.95 4.68
CA LYS A 315 19.26 2.28 5.12
C LYS A 315 19.24 2.49 6.64
N GLY A 316 19.63 1.48 7.41
CA GLY A 316 19.62 1.54 8.86
C GLY A 316 18.25 1.26 9.44
N ALA A 317 17.88 1.97 10.52
CA ALA A 317 16.59 1.76 11.20
C ALA A 317 15.36 2.34 10.50
N LEU A 318 14.23 1.64 10.63
CA LEU A 318 12.91 2.03 10.10
C LEU A 318 12.55 3.45 10.57
N GLN A 319 12.76 3.70 11.88
CA GLN A 319 12.51 4.94 12.59
C GLN A 319 13.11 6.14 11.83
N ASP A 320 14.37 6.02 11.37
CA ASP A 320 15.07 7.08 10.61
C ASP A 320 14.42 7.35 9.24
N THR A 321 14.16 6.28 8.45
CA THR A 321 13.53 6.37 7.12
C THR A 321 12.12 6.98 7.24
N ILE A 322 11.30 6.53 8.21
CA ILE A 322 9.95 7.03 8.39
C ILE A 322 9.95 8.53 8.74
N TYR A 323 10.88 8.96 9.59
CA TYR A 323 11.00 10.37 9.99
C TYR A 323 11.35 11.29 8.79
N GLN A 324 12.30 10.86 7.93
CA GLN A 324 12.71 11.62 6.75
C GLN A 324 11.55 11.70 5.74
N LEU A 325 10.88 10.55 5.48
CA LEU A 325 9.71 10.52 4.57
C LEU A 325 8.56 11.39 5.07
N MET A 326 8.20 11.32 6.38
CA MET A 326 7.12 12.13 6.96
C MET A 326 7.47 13.62 7.05
N GLY A 327 8.76 13.92 7.18
CA GLY A 327 9.25 15.29 7.18
C GLY A 327 9.02 15.96 5.84
N GLY A 328 9.21 15.18 4.77
CA GLY A 328 9.01 15.63 3.39
C GLY A 328 7.54 15.90 3.12
N VAL A 329 6.66 15.06 3.68
CA VAL A 329 5.19 15.17 3.57
C VAL A 329 4.75 16.44 4.30
N ARG A 330 5.29 16.68 5.52
CA ARG A 330 5.02 17.88 6.34
C ARG A 330 5.40 19.17 5.59
N ALA A 331 6.59 19.19 4.94
CA ALA A 331 7.04 20.33 4.09
C ALA A 331 6.02 20.63 2.97
N GLY A 332 5.63 19.61 2.19
CA GLY A 332 4.65 19.76 1.12
C GLY A 332 3.28 20.24 1.58
N MET A 333 2.82 19.78 2.76
N MET A 333 2.85 19.79 2.77
CA MET A 333 1.54 20.24 3.28
CA MET A 333 1.58 20.19 3.39
C MET A 333 1.62 21.71 3.71
C MET A 333 1.64 21.69 3.74
N GLY A 334 2.80 22.12 4.20
CA GLY A 334 3.12 23.50 4.56
C GLY A 334 3.14 24.37 3.32
N TYR A 335 3.68 23.88 2.18
CA TYR A 335 3.68 24.64 0.92
C TYR A 335 2.26 24.78 0.34
N THR A 336 1.42 23.74 0.51
CA THR A 336 0.06 23.71 -0.07
C THR A 336 -0.99 24.36 0.85
N GLY A 337 -0.58 24.68 2.07
CA GLY A 337 -1.46 25.25 3.09
C GLY A 337 -2.42 24.21 3.64
N SER A 338 -2.08 22.93 3.53
CA SER A 338 -2.92 21.83 4.01
C SER A 338 -2.70 21.54 5.51
N HIS A 339 -3.76 21.75 6.32
CA HIS A 339 -3.70 21.50 7.77
C HIS A 339 -3.76 20.01 8.13
N ASP A 340 -4.48 19.25 7.31
CA ASP A 340 -4.67 17.82 7.47
C ASP A 340 -4.82 17.17 6.10
N LEU A 341 -4.80 15.82 6.05
CA LEU A 341 -4.86 15.06 4.81
C LEU A 341 -6.17 15.21 4.05
N ARG A 342 -7.30 15.36 4.75
CA ARG A 342 -8.59 15.58 4.09
C ARG A 342 -8.54 16.82 3.19
N GLU A 343 -8.02 17.95 3.72
N GLU A 343 -8.01 17.94 3.72
CA GLU A 343 -7.89 19.20 2.98
CA GLU A 343 -7.86 19.22 3.02
C GLU A 343 -6.95 19.02 1.76
C GLU A 343 -6.94 19.04 1.79
N LEU A 344 -5.84 18.29 1.96
CA LEU A 344 -4.87 17.98 0.88
C LEU A 344 -5.57 17.19 -0.27
N ARG A 345 -6.36 16.15 0.07
CA ARG A 345 -7.09 15.33 -0.90
C ARG A 345 -8.15 16.14 -1.63
N GLU A 346 -8.94 16.94 -0.91
CA GLU A 346 -10.06 17.67 -1.50
C GLU A 346 -9.73 19.01 -2.20
N GLU A 347 -8.66 19.70 -1.79
CA GLU A 347 -8.36 21.04 -2.32
C GLU A 347 -7.06 21.23 -3.08
N ALA A 348 -6.00 20.45 -2.77
CA ALA A 348 -4.70 20.63 -3.42
C ALA A 348 -4.75 20.46 -4.94
N GLN A 349 -4.01 21.32 -5.65
CA GLN A 349 -3.96 21.35 -7.12
C GLN A 349 -2.56 21.01 -7.62
N PHE A 350 -2.52 20.36 -8.77
CA PHE A 350 -1.29 19.95 -9.44
C PHE A 350 -1.07 20.71 -10.73
N THR A 351 0.15 20.62 -11.22
CA THR A 351 0.47 21.04 -12.56
C THR A 351 1.10 19.86 -13.27
N ARG A 352 0.79 19.71 -14.56
CA ARG A 352 1.40 18.70 -15.41
C ARG A 352 2.66 19.32 -16.03
N MET A 353 3.64 18.49 -16.36
N MET A 353 3.68 18.49 -16.32
CA MET A 353 4.91 18.91 -16.97
CA MET A 353 4.94 18.91 -16.94
C MET A 353 5.48 17.81 -17.87
C MET A 353 5.59 17.78 -17.77
N GLY A 354 6.47 18.17 -18.70
CA GLY A 354 7.16 17.25 -19.60
C GLY A 354 8.44 16.70 -18.97
N PRO A 355 9.21 15.82 -19.67
CA PRO A 355 10.44 15.29 -19.07
C PRO A 355 11.57 16.32 -19.06
P IMP B . 7.23 -0.43 -4.45
O1P IMP B . 7.30 0.53 -5.65
O2P IMP B . 7.10 0.29 -3.11
O3P IMP B . 8.43 -1.37 -4.36
O5' IMP B . 5.95 -1.32 -4.66
C5' IMP B . 5.65 -2.47 -3.83
C4' IMP B . 4.34 -3.02 -4.32
O4' IMP B . 4.55 -3.71 -5.57
C3' IMP B . 3.67 -4.06 -3.43
O3' IMP B . 2.94 -3.44 -2.37
C2' IMP B . 2.78 -4.81 -4.42
O2' IMP B . 1.50 -4.22 -4.66
C1' IMP B . 3.59 -4.74 -5.71
N9 IMP B . 4.30 -5.99 -6.04
C8 IMP B . 4.93 -6.82 -5.17
N7 IMP B . 5.51 -7.84 -5.76
C5 IMP B . 5.24 -7.66 -7.11
C6 IMP B . 5.56 -8.45 -8.25
O6 IMP B . 6.34 -9.41 -8.29
N1 IMP B . 4.97 -7.97 -9.39
C2 IMP B . 4.23 -6.85 -9.46
N3 IMP B . 3.97 -6.05 -8.45
C4 IMP B . 4.47 -6.52 -7.29
HOP2 IMP B . 6.29 0.25 -2.53
HOP3 IMP B . 8.49 -2.06 -5.08
H5'1 IMP B . 5.52 -2.13 -2.80
H5'2 IMP B . 6.48 -3.16 -3.89
H4' IMP B . 3.65 -2.20 -4.51
H3' IMP B . 4.37 -4.72 -2.93
HO3' IMP B . 2.06 -3.84 -2.19
H2' IMP B . 2.62 -5.84 -4.09
HO2' IMP B . 1.69 -3.28 -4.92
H1' IMP B . 2.99 -4.47 -6.58
H8 IMP B . 4.90 -6.68 -4.09
HN1 IMP B . 4.98 -8.55 -10.24
H2 IMP B . 3.74 -6.60 -10.40
C14 VP4 C . -4.90 -15.38 -11.43
C6 VP4 C . -1.35 -12.78 -12.39
C11 VP4 C . -2.36 -13.36 -11.60
C7 VP4 C . -1.71 -12.27 -13.64
C8 VP4 C . -3.04 -12.25 -14.07
C9 VP4 C . -4.03 -12.82 -13.29
C10 VP4 C . -3.70 -13.37 -12.03
C13 VP4 C . -4.65 -13.56 -9.79
C3 VP4 C . 0.62 -13.01 -10.86
CL15 VP4 C . -5.67 -12.80 -13.88
C1 VP4 C . 2.79 -14.15 -11.30
C2 VP4 C . 2.13 -12.87 -10.78
O4 VP4 C . 0.02 -13.35 -9.86
N5 VP4 C . 0.02 -12.74 -12.05
N12 VP4 C . -4.72 -13.93 -11.23
N16 VP4 C . 2.64 -12.54 -9.42
C17 VP4 C . 2.32 -11.37 -8.69
C18 VP4 C . 2.44 -11.40 -7.27
C19 VP4 C . 2.14 -10.30 -6.50
C20 VP4 C . 1.69 -9.10 -7.11
C21 VP4 C . 1.57 -9.06 -8.54
C22 VP4 C . 1.91 -10.19 -9.31
C23 VP4 C . 1.11 -7.87 -9.13
C24 VP4 C . 0.79 -6.79 -8.33
C25 VP4 C . 0.92 -6.90 -6.94
N26 VP4 C . 1.36 -8.01 -6.38
C27 VP4 C . 0.30 -5.50 -8.95
O28 VP4 C . 1.06 -5.16 -10.13
#